data_7LFZ
#
_entry.id   7LFZ
#
_cell.length_a   65.636
_cell.length_b   65.636
_cell.length_c   237.472
_cell.angle_alpha   90.000
_cell.angle_beta   90.000
_cell.angle_gamma   90.000
#
_symmetry.space_group_name_H-M   'P 41 21 2'
#
loop_
_entity.id
_entity.type
_entity.pdbx_description
1 polymer 'HLA class I histocompatibility antigen, B-7 alpha chain'
2 polymer Beta-2-microglobulin
3 polymer ORF1ab
4 water water
#
loop_
_entity_poly.entity_id
_entity_poly.type
_entity_poly.pdbx_seq_one_letter_code
_entity_poly.pdbx_strand_id
1 'polypeptide(L)'
;GSHSMRYFYTSVSRPGRGEPRFISVGYVDDTQFVRFDSDAASPREEPRAPWIEQEGPEYWDRNTQIYKAQAQTDRESLRN
LRGYYNQSEAGSHTLQSMYGCDVGPDGRLLRGHDQYAYDGKDYIALNEDLRSWTAADTAAQITQRKWEAAREAEQRRAYL
EGECVEWLRRYLENGKDKLERADPPKTHVTHHPISDHEATLRCWALGFYPAEITLTWQRDGEDQTQDTELVETRPAGDRT
FQKWAAVVVPSGEEQRYTCHVQHEGLPKPLTLRWE
;
A
2 'polypeptide(L)'
;MIQRTPKIQVYSRHPAENGKSNFLNCYVSGFHPSDIEVDLLKNGERIEKVEHSDLSFSKDWSFYLLYYTEFTPTEKDEYA
CRVNHVTLSQPKIVKWDRDM
;
B
3 'polypeptide(L)' IPRRNVATL C
#
# COMPACT_ATOMS: atom_id res chain seq x y z
N GLY A 1 5.68 -19.87 7.65
CA GLY A 1 5.66 -18.68 8.56
C GLY A 1 4.23 -18.21 8.79
N SER A 2 4.07 -17.09 9.50
CA SER A 2 2.78 -16.40 9.72
C SER A 2 2.40 -15.67 8.43
N HIS A 3 1.11 -15.66 8.06
CA HIS A 3 0.66 -15.00 6.81
C HIS A 3 -0.65 -14.23 7.01
N SER A 4 -0.96 -13.36 6.14
N SER A 4 -0.96 -13.36 6.14
CA SER A 4 -2.22 -12.58 6.21
CA SER A 4 -2.18 -12.51 6.19
C SER A 4 -2.91 -12.54 4.84
C SER A 4 -2.90 -12.52 4.84
N MET A 5 -4.23 -12.45 4.86
CA MET A 5 -5.01 -12.06 3.65
C MET A 5 -5.82 -10.84 4.07
N ARG A 6 -5.89 -9.83 3.20
CA ARG A 6 -6.68 -8.61 3.46
C ARG A 6 -7.36 -8.14 2.19
N TYR A 7 -8.59 -7.70 2.33
CA TYR A 7 -9.33 -6.99 1.27
C TYR A 7 -9.48 -5.55 1.76
N PHE A 8 -9.20 -4.62 0.86
CA PHE A 8 -9.27 -3.16 1.11
C PHE A 8 -10.28 -2.58 0.13
N TYR A 9 -11.38 -2.03 0.64
CA TYR A 9 -12.44 -1.40 -0.18
C TYR A 9 -12.44 0.09 0.11
N THR A 10 -12.55 0.90 -0.94
CA THR A 10 -12.70 2.37 -0.88
C THR A 10 -13.91 2.75 -1.72
N SER A 11 -14.92 3.34 -1.08
CA SER A 11 -16.09 3.94 -1.78
C SER A 11 -16.03 5.45 -1.58
N VAL A 12 -16.16 6.20 -2.68
CA VAL A 12 -16.09 7.68 -2.66
C VAL A 12 -17.35 8.22 -3.35
N SER A 13 -18.19 8.90 -2.61
CA SER A 13 -19.43 9.49 -3.19
C SER A 13 -19.06 10.69 -4.04
N ARG A 14 -19.90 11.01 -5.01
CA ARG A 14 -19.74 12.12 -5.98
C ARG A 14 -21.14 12.59 -6.37
N PRO A 15 -21.93 13.09 -5.38
CA PRO A 15 -23.32 13.40 -5.62
C PRO A 15 -23.45 14.39 -6.79
N GLY A 16 -24.36 14.07 -7.69
CA GLY A 16 -24.55 14.79 -8.96
C GLY A 16 -23.83 14.14 -10.12
N ARG A 17 -22.89 13.22 -9.86
CA ARG A 17 -22.03 12.63 -10.92
C ARG A 17 -22.28 11.11 -10.99
N GLY A 18 -23.26 10.62 -10.27
CA GLY A 18 -23.63 9.20 -10.33
C GLY A 18 -23.24 8.44 -9.08
N GLU A 19 -23.29 7.12 -9.16
CA GLU A 19 -23.08 6.26 -7.98
C GLU A 19 -21.64 6.41 -7.50
N PRO A 20 -21.39 6.18 -6.20
CA PRO A 20 -20.03 6.24 -5.68
C PRO A 20 -19.09 5.32 -6.48
N ARG A 21 -17.85 5.76 -6.64
CA ARG A 21 -16.78 4.90 -7.20
C ARG A 21 -16.35 3.90 -6.13
N PHE A 22 -16.40 2.62 -6.44
CA PHE A 22 -15.99 1.52 -5.54
C PHE A 22 -14.71 0.91 -6.13
N ILE A 23 -13.66 0.84 -5.34
CA ILE A 23 -12.42 0.12 -5.70
C ILE A 23 -12.12 -0.91 -4.60
N SER A 24 -11.87 -2.14 -5.02
CA SER A 24 -11.35 -3.18 -4.12
CA SER A 24 -11.36 -3.20 -4.13
C SER A 24 -9.97 -3.66 -4.60
N VAL A 25 -9.11 -3.98 -3.64
CA VAL A 25 -7.82 -4.73 -3.88
C VAL A 25 -7.72 -5.82 -2.82
N GLY A 26 -7.10 -6.94 -3.17
CA GLY A 26 -6.86 -8.04 -2.24
C GLY A 26 -5.37 -8.25 -2.13
N TYR A 27 -4.89 -8.53 -0.92
CA TYR A 27 -3.45 -8.80 -0.63
C TYR A 27 -3.30 -10.12 0.10
N VAL A 28 -2.25 -10.88 -0.23
CA VAL A 28 -1.65 -11.90 0.67
C VAL A 28 -0.31 -11.31 1.15
N ASP A 29 -0.17 -11.08 2.46
CA ASP A 29 1.00 -10.39 3.03
C ASP A 29 1.19 -9.11 2.20
N ASP A 30 2.38 -8.87 1.63
CA ASP A 30 2.69 -7.58 0.96
C ASP A 30 2.43 -7.72 -0.54
N THR A 31 1.76 -8.78 -0.99
CA THR A 31 1.54 -9.04 -2.43
C THR A 31 0.06 -8.77 -2.79
N GLN A 32 -0.19 -7.83 -3.69
CA GLN A 32 -1.54 -7.58 -4.26
C GLN A 32 -1.79 -8.66 -5.29
N PHE A 33 -2.99 -9.26 -5.28
CA PHE A 33 -3.32 -10.38 -6.19
C PHE A 33 -4.62 -10.14 -6.94
N VAL A 34 -5.51 -9.26 -6.49
CA VAL A 34 -6.77 -8.95 -7.23
C VAL A 34 -7.12 -7.46 -7.08
N ARG A 35 -7.92 -6.97 -8.02
CA ARG A 35 -8.54 -5.62 -8.01
C ARG A 35 -9.91 -5.69 -8.67
N PHE A 36 -10.75 -4.73 -8.31
CA PHE A 36 -12.03 -4.44 -8.99
C PHE A 36 -12.21 -2.92 -8.94
N ASP A 37 -12.69 -2.33 -10.04
CA ASP A 37 -13.00 -0.88 -10.08
C ASP A 37 -14.35 -0.71 -10.79
N SER A 38 -15.32 -0.17 -10.04
CA SER A 38 -16.69 0.08 -10.51
C SER A 38 -16.69 0.99 -11.75
N ASP A 39 -15.63 1.77 -12.00
CA ASP A 39 -15.61 2.74 -13.12
C ASP A 39 -14.89 2.17 -14.35
N ALA A 40 -14.51 0.90 -14.34
CA ALA A 40 -13.91 0.28 -15.53
C ALA A 40 -14.99 0.05 -16.59
N ALA A 41 -14.57 -0.12 -17.85
CA ALA A 41 -15.53 -0.30 -18.97
C ALA A 41 -16.37 -1.54 -18.71
N SER A 42 -15.73 -2.62 -18.28
CA SER A 42 -16.47 -3.86 -17.96
C SER A 42 -16.01 -4.30 -16.57
N PRO A 43 -16.54 -3.72 -15.48
CA PRO A 43 -16.11 -4.03 -14.13
C PRO A 43 -16.04 -5.53 -13.84
N ARG A 44 -14.84 -6.00 -13.57
CA ARG A 44 -14.66 -7.39 -13.07
CA ARG A 44 -14.61 -7.41 -13.13
C ARG A 44 -13.37 -7.56 -12.17
N GLU A 45 -13.47 -8.56 -11.31
CA GLU A 45 -12.25 -8.89 -10.55
C GLU A 45 -11.21 -9.31 -11.58
N GLU A 46 -10.00 -8.76 -11.47
CA GLU A 46 -8.86 -9.08 -12.36
C GLU A 46 -7.68 -9.55 -11.54
N PRO A 47 -6.88 -10.51 -12.06
CA PRO A 47 -5.63 -10.91 -11.40
C PRO A 47 -4.55 -9.83 -11.43
N ARG A 48 -3.77 -9.74 -10.36
CA ARG A 48 -2.63 -8.81 -10.25
C ARG A 48 -1.40 -9.57 -9.75
N ALA A 49 -1.47 -10.89 -9.59
CA ALA A 49 -0.30 -11.72 -9.26
C ALA A 49 -0.36 -12.96 -10.12
N PRO A 50 0.78 -13.50 -10.57
CA PRO A 50 0.75 -14.66 -11.47
C PRO A 50 0.02 -15.88 -10.88
N TRP A 51 0.13 -16.11 -9.58
CA TRP A 51 -0.30 -17.39 -8.95
C TRP A 51 -1.81 -17.46 -8.77
N ILE A 52 -2.56 -16.37 -9.00
CA ILE A 52 -4.05 -16.40 -8.94
C ILE A 52 -4.63 -16.65 -10.33
N GLU A 53 -3.84 -16.43 -11.39
CA GLU A 53 -4.31 -16.56 -12.80
C GLU A 53 -4.87 -17.97 -12.99
N GLN A 54 -4.38 -18.97 -12.26
CA GLN A 54 -4.81 -20.40 -12.40
C GLN A 54 -6.30 -20.54 -12.01
N GLU A 55 -6.80 -19.73 -11.06
CA GLU A 55 -8.22 -19.78 -10.63
C GLU A 55 -9.13 -19.67 -11.86
N GLY A 56 -10.16 -20.54 -11.89
CA GLY A 56 -11.09 -20.76 -13.00
C GLY A 56 -12.13 -19.66 -13.13
N PRO A 57 -12.95 -19.67 -14.21
CA PRO A 57 -13.85 -18.56 -14.53
C PRO A 57 -14.97 -18.34 -13.50
N GLU A 58 -15.30 -19.38 -12.71
CA GLU A 58 -16.37 -19.32 -11.69
C GLU A 58 -15.85 -18.54 -10.48
N TYR A 59 -14.54 -18.56 -10.23
CA TYR A 59 -13.87 -17.81 -9.14
C TYR A 59 -14.06 -16.31 -9.42
N TRP A 60 -13.61 -15.91 -10.62
CA TRP A 60 -13.69 -14.54 -11.18
C TRP A 60 -15.15 -14.10 -11.22
N ASP A 61 -16.05 -14.98 -11.66
CA ASP A 61 -17.47 -14.61 -11.84
C ASP A 61 -18.15 -14.39 -10.47
N ARG A 62 -17.93 -15.29 -9.51
CA ARG A 62 -18.47 -15.14 -8.14
C ARG A 62 -18.00 -13.80 -7.56
N ASN A 63 -16.72 -13.49 -7.67
CA ASN A 63 -16.08 -12.35 -6.96
C ASN A 63 -16.62 -11.05 -7.58
N THR A 64 -16.70 -11.01 -8.91
CA THR A 64 -17.25 -9.85 -9.67
C THR A 64 -18.64 -9.55 -9.12
N GLN A 65 -19.53 -10.55 -9.02
CA GLN A 65 -20.90 -10.31 -8.52
C GLN A 65 -20.84 -9.79 -7.09
N ILE A 66 -19.95 -10.32 -6.27
CA ILE A 66 -19.81 -9.85 -4.86
C ILE A 66 -19.42 -8.36 -4.85
N TYR A 67 -18.43 -7.94 -5.63
CA TYR A 67 -17.98 -6.53 -5.64
C TYR A 67 -19.12 -5.62 -6.13
N LYS A 68 -19.84 -6.00 -7.19
CA LYS A 68 -20.96 -5.17 -7.70
C LYS A 68 -22.02 -5.00 -6.61
N ALA A 69 -22.38 -6.07 -5.91
CA ALA A 69 -23.34 -6.01 -4.79
C ALA A 69 -22.75 -5.13 -3.68
N GLN A 70 -21.45 -5.28 -3.38
CA GLN A 70 -20.83 -4.48 -2.29
C GLN A 70 -20.83 -2.99 -2.64
N ALA A 71 -20.61 -2.63 -3.91
CA ALA A 71 -20.64 -1.22 -4.35
C ALA A 71 -22.02 -0.63 -4.05
N GLN A 72 -23.09 -1.38 -4.33
CA GLN A 72 -24.49 -0.97 -4.04
C GLN A 72 -24.68 -0.83 -2.53
N THR A 73 -24.21 -1.81 -1.75
CA THR A 73 -24.30 -1.78 -0.26
C THR A 73 -23.55 -0.56 0.28
N ASP A 74 -22.32 -0.35 -0.16
CA ASP A 74 -21.52 0.82 0.29
C ASP A 74 -22.26 2.12 -0.06
N ARG A 75 -22.91 2.15 -1.22
CA ARG A 75 -23.67 3.34 -1.66
C ARG A 75 -24.76 3.63 -0.62
N GLU A 76 -25.50 2.60 -0.27
CA GLU A 76 -26.45 2.73 0.87
CA GLU A 76 -26.46 2.72 0.86
C GLU A 76 -25.91 3.17 2.27
N SER A 77 -24.71 2.60 2.53
CA SER A 77 -24.01 2.94 3.80
C SER A 77 -23.66 4.43 3.79
N LEU A 78 -23.17 4.93 2.66
CA LEU A 78 -22.73 6.34 2.58
C LEU A 78 -23.94 7.25 2.79
N ARG A 79 -25.10 6.87 2.26
CA ARG A 79 -26.35 7.63 2.45
C ARG A 79 -26.70 7.66 3.92
N ASN A 80 -26.65 6.50 4.58
CA ASN A 80 -27.01 6.38 6.01
C ASN A 80 -26.03 7.25 6.80
N LEU A 81 -24.74 7.19 6.43
CA LEU A 81 -23.66 7.86 7.19
C LEU A 81 -23.83 9.39 7.12
N ARG A 82 -24.12 9.96 5.95
CA ARG A 82 -24.22 11.44 5.88
C ARG A 82 -25.43 11.85 6.69
N GLY A 83 -26.44 10.97 6.73
CA GLY A 83 -27.64 11.09 7.59
C GLY A 83 -27.26 11.07 9.05
N TYR A 84 -26.53 10.04 9.51
CA TYR A 84 -26.13 9.94 10.93
C TYR A 84 -25.35 11.19 11.33
N TYR A 85 -24.51 11.74 10.46
CA TYR A 85 -23.63 12.89 10.81
C TYR A 85 -24.31 14.23 10.46
N ASN A 86 -25.53 14.17 9.95
CA ASN A 86 -26.27 15.38 9.54
C ASN A 86 -25.44 16.18 8.54
N GLN A 87 -24.88 15.51 7.52
CA GLN A 87 -24.02 16.18 6.51
C GLN A 87 -24.82 16.50 5.24
N SER A 88 -24.36 17.51 4.51
CA SER A 88 -24.92 17.93 3.21
C SER A 88 -24.98 16.74 2.25
N GLU A 89 -26.03 16.67 1.45
CA GLU A 89 -26.16 15.63 0.40
C GLU A 89 -25.37 16.01 -0.86
N ALA A 90 -24.69 17.17 -0.89
CA ALA A 90 -23.94 17.67 -2.05
C ALA A 90 -22.50 17.19 -2.00
N GLY A 91 -21.96 16.88 -0.82
CA GLY A 91 -20.50 16.71 -0.68
C GLY A 91 -20.03 15.28 -0.93
N SER A 92 -18.74 15.14 -1.23
CA SER A 92 -18.06 13.83 -1.41
C SER A 92 -17.57 13.31 -0.06
N HIS A 93 -17.85 12.05 0.25
CA HIS A 93 -17.38 11.35 1.46
C HIS A 93 -16.74 10.01 1.07
N THR A 94 -15.92 9.50 1.97
CA THR A 94 -15.15 8.26 1.79
C THR A 94 -15.60 7.20 2.81
N LEU A 95 -15.88 6.00 2.34
CA LEU A 95 -16.07 4.85 3.24
C LEU A 95 -14.98 3.83 2.89
N GLN A 96 -14.11 3.50 3.83
CA GLN A 96 -13.11 2.43 3.65
C GLN A 96 -13.44 1.25 4.56
N SER A 97 -13.17 0.06 4.04
CA SER A 97 -13.42 -1.24 4.69
C SER A 97 -12.12 -2.04 4.57
N MET A 98 -11.78 -2.78 5.60
CA MET A 98 -10.53 -3.58 5.63
C MET A 98 -10.90 -4.82 6.42
N TYR A 99 -10.74 -6.01 5.84
CA TYR A 99 -11.08 -7.26 6.54
C TYR A 99 -10.13 -8.36 6.08
N GLY A 100 -10.00 -9.41 6.90
CA GLY A 100 -9.16 -10.57 6.55
C GLY A 100 -8.71 -11.33 7.78
N CYS A 101 -7.72 -12.19 7.56
CA CYS A 101 -7.28 -13.19 8.56
C CYS A 101 -5.76 -13.20 8.61
N ASP A 102 -5.24 -13.38 9.82
CA ASP A 102 -3.82 -13.68 10.09
C ASP A 102 -3.79 -15.16 10.53
N VAL A 103 -2.87 -15.93 9.96
CA VAL A 103 -2.70 -17.39 10.25
C VAL A 103 -1.22 -17.62 10.58
N GLY A 104 -0.98 -18.53 11.52
CA GLY A 104 0.37 -18.93 11.96
C GLY A 104 0.99 -19.89 10.97
N PRO A 105 2.21 -20.40 11.27
CA PRO A 105 2.86 -21.39 10.42
C PRO A 105 2.01 -22.64 10.18
N ASP A 106 1.25 -23.06 11.19
CA ASP A 106 0.38 -24.26 11.10
C ASP A 106 -0.83 -23.99 10.20
N GLY A 107 -1.05 -22.72 9.86
CA GLY A 107 -2.15 -22.26 9.00
C GLY A 107 -3.47 -22.10 9.77
N ARG A 108 -3.41 -22.14 11.11
CA ARG A 108 -4.58 -21.90 12.01
C ARG A 108 -4.79 -20.39 12.13
N LEU A 109 -6.05 -19.97 12.30
CA LEU A 109 -6.40 -18.54 12.42
C LEU A 109 -5.78 -18.00 13.72
N LEU A 110 -4.94 -16.97 13.62
CA LEU A 110 -4.41 -16.26 14.81
C LEU A 110 -5.39 -15.14 15.17
N ARG A 111 -5.75 -14.35 14.17
CA ARG A 111 -6.61 -13.17 14.40
C ARG A 111 -7.49 -12.84 13.18
N GLY A 112 -8.71 -12.40 13.45
CA GLY A 112 -9.62 -11.91 12.41
C GLY A 112 -9.73 -10.41 12.46
N HIS A 113 -9.97 -9.77 11.32
CA HIS A 113 -9.99 -8.29 11.18
C HIS A 113 -11.21 -7.90 10.36
N ASP A 114 -11.92 -6.87 10.79
CA ASP A 114 -13.12 -6.42 10.05
C ASP A 114 -13.46 -5.03 10.58
N GLN A 115 -12.94 -4.01 9.90
CA GLN A 115 -13.10 -2.61 10.37
C GLN A 115 -13.38 -1.63 9.23
N TYR A 116 -13.80 -0.43 9.62
CA TYR A 116 -14.34 0.58 8.72
C TYR A 116 -13.88 1.94 9.19
N ALA A 117 -13.68 2.84 8.23
CA ALA A 117 -13.35 4.24 8.48
C ALA A 117 -14.23 5.09 7.58
N TYR A 118 -14.70 6.21 8.12
CA TYR A 118 -15.52 7.19 7.39
C TYR A 118 -14.75 8.49 7.36
N ASP A 119 -14.54 9.04 6.17
CA ASP A 119 -13.74 10.27 5.94
C ASP A 119 -12.36 10.16 6.65
N GLY A 120 -11.77 8.97 6.58
CA GLY A 120 -10.38 8.74 7.00
C GLY A 120 -10.23 8.52 8.50
N LYS A 121 -11.35 8.41 9.22
CA LYS A 121 -11.37 8.25 10.71
C LYS A 121 -11.99 6.91 11.07
N ASP A 122 -11.40 6.19 12.02
CA ASP A 122 -11.97 4.92 12.57
C ASP A 122 -13.45 5.14 12.87
N TYR A 123 -14.30 4.22 12.40
CA TYR A 123 -15.77 4.27 12.59
C TYR A 123 -16.24 3.07 13.43
N ILE A 124 -16.04 1.85 12.96
CA ILE A 124 -16.44 0.64 13.73
C ILE A 124 -15.48 -0.48 13.38
N ALA A 125 -15.20 -1.32 14.37
CA ALA A 125 -14.24 -2.43 14.25
C ALA A 125 -14.81 -3.65 14.98
N LEU A 126 -14.73 -4.81 14.34
CA LEU A 126 -14.96 -6.10 15.04
C LEU A 126 -13.80 -6.32 16.02
N ASN A 127 -14.10 -6.65 17.26
CA ASN A 127 -13.02 -6.90 18.24
C ASN A 127 -12.35 -8.26 17.99
N GLU A 128 -11.21 -8.44 18.64
CA GLU A 128 -10.41 -9.69 18.54
C GLU A 128 -11.29 -10.91 18.83
N ASP A 129 -12.22 -10.82 19.78
CA ASP A 129 -13.11 -11.96 20.13
C ASP A 129 -13.99 -12.34 18.93
N LEU A 130 -14.06 -11.51 17.88
CA LEU A 130 -14.90 -11.70 16.66
C LEU A 130 -16.38 -11.81 17.04
N ARG A 131 -16.80 -11.35 18.22
CA ARG A 131 -18.21 -11.46 18.66
C ARG A 131 -18.79 -10.09 19.08
N SER A 132 -17.98 -9.04 19.15
CA SER A 132 -18.40 -7.71 19.69
C SER A 132 -17.73 -6.59 18.88
N TRP A 133 -18.31 -5.38 18.92
CA TRP A 133 -17.88 -4.21 18.09
C TRP A 133 -17.31 -3.13 19.00
N THR A 134 -16.36 -2.34 18.49
CA THR A 134 -15.97 -1.04 19.10
C THR A 134 -16.46 0.08 18.17
N ALA A 135 -17.39 0.89 18.64
CA ALA A 135 -17.94 2.06 17.91
C ALA A 135 -17.13 3.31 18.28
N ALA A 136 -16.74 4.15 17.32
CA ALA A 136 -15.87 5.32 17.61
C ALA A 136 -16.67 6.51 18.19
N ASP A 137 -17.99 6.53 17.99
CA ASP A 137 -18.87 7.69 18.33
C ASP A 137 -20.33 7.26 18.26
N THR A 138 -21.26 8.18 18.49
CA THR A 138 -22.71 7.89 18.60
C THR A 138 -23.26 7.48 17.23
N ALA A 139 -22.72 7.99 16.13
CA ALA A 139 -23.10 7.56 14.76
C ALA A 139 -22.81 6.06 14.66
N ALA A 140 -21.56 5.68 14.92
CA ALA A 140 -21.10 4.27 14.88
C ALA A 140 -21.92 3.39 15.84
N GLN A 141 -22.45 3.95 16.94
CA GLN A 141 -23.34 3.18 17.87
C GLN A 141 -24.64 2.78 17.18
N ILE A 142 -25.12 3.58 16.23
CA ILE A 142 -26.32 3.24 15.42
C ILE A 142 -26.02 1.96 14.63
N THR A 143 -24.88 1.95 13.94
CA THR A 143 -24.44 0.76 13.18
C THR A 143 -24.32 -0.40 14.16
N GLN A 144 -23.66 -0.15 15.28
CA GLN A 144 -23.41 -1.21 16.29
C GLN A 144 -24.73 -1.84 16.75
N ARG A 145 -25.72 -1.04 17.14
CA ARG A 145 -26.98 -1.57 17.72
C ARG A 145 -27.68 -2.46 16.67
N LYS A 146 -27.68 -2.00 15.42
CA LYS A 146 -28.28 -2.68 14.25
C LYS A 146 -27.58 -4.03 14.03
N TRP A 147 -26.24 -4.00 13.96
CA TRP A 147 -25.44 -5.23 13.69
C TRP A 147 -25.52 -6.22 14.85
N GLU A 148 -25.57 -5.74 16.10
CA GLU A 148 -25.83 -6.61 17.27
C GLU A 148 -27.22 -7.24 17.14
N ALA A 149 -28.27 -6.43 16.92
CA ALA A 149 -29.65 -6.92 16.82
C ALA A 149 -29.71 -7.96 15.70
N ALA A 150 -28.93 -7.80 14.63
CA ALA A 150 -28.98 -8.69 13.44
C ALA A 150 -27.98 -9.85 13.57
N ARG A 151 -27.20 -9.92 14.65
CA ARG A 151 -26.15 -10.96 14.88
C ARG A 151 -25.17 -10.99 13.69
N GLU A 152 -24.76 -9.81 13.23
CA GLU A 152 -23.81 -9.67 12.10
C GLU A 152 -22.47 -10.33 12.43
N ALA A 153 -21.96 -10.12 13.64
CA ALA A 153 -20.62 -10.66 14.00
C ALA A 153 -20.62 -12.17 13.79
N GLU A 154 -21.70 -12.83 14.20
CA GLU A 154 -21.84 -14.31 14.10
CA GLU A 154 -21.80 -14.31 14.11
C GLU A 154 -21.77 -14.72 12.63
N GLN A 155 -22.40 -13.94 11.75
CA GLN A 155 -22.42 -14.25 10.29
CA GLN A 155 -22.43 -14.23 10.28
C GLN A 155 -21.01 -14.10 9.73
N ARG A 156 -20.26 -13.13 10.23
CA ARG A 156 -18.95 -12.71 9.66
C ARG A 156 -17.86 -13.66 10.14
N ARG A 157 -18.03 -14.19 11.35
CA ARG A 157 -17.11 -15.18 11.97
C ARG A 157 -16.89 -16.30 10.96
N ALA A 158 -17.98 -16.81 10.38
CA ALA A 158 -17.98 -17.97 9.47
C ALA A 158 -16.90 -17.78 8.39
N TYR A 159 -16.92 -16.62 7.73
CA TYR A 159 -15.93 -16.29 6.66
C TYR A 159 -14.51 -16.22 7.22
N LEU A 160 -14.32 -15.51 8.34
CA LEU A 160 -12.97 -15.23 8.89
C LEU A 160 -12.32 -16.53 9.35
N GLU A 161 -13.10 -17.44 9.91
CA GLU A 161 -12.57 -18.70 10.48
C GLU A 161 -12.57 -19.79 9.40
N GLY A 162 -13.33 -19.61 8.33
CA GLY A 162 -13.56 -20.63 7.29
C GLY A 162 -12.89 -20.26 5.98
N GLU A 163 -13.67 -19.69 5.05
CA GLU A 163 -13.23 -19.37 3.66
C GLU A 163 -11.94 -18.54 3.66
N CYS A 164 -11.78 -17.57 4.58
CA CYS A 164 -10.60 -16.67 4.63
C CYS A 164 -9.33 -17.53 4.80
N VAL A 165 -9.33 -18.39 5.82
CA VAL A 165 -8.19 -19.27 6.18
C VAL A 165 -7.95 -20.30 5.07
N GLU A 166 -9.00 -20.92 4.53
N GLU A 166 -9.02 -20.90 4.55
CA GLU A 166 -8.83 -22.03 3.55
CA GLU A 166 -8.96 -22.00 3.54
C GLU A 166 -8.33 -21.45 2.22
C GLU A 166 -8.35 -21.45 2.25
N TRP A 167 -8.86 -20.31 1.78
CA TRP A 167 -8.44 -19.70 0.49
C TRP A 167 -7.02 -19.14 0.62
N LEU A 168 -6.69 -18.49 1.76
CA LEU A 168 -5.29 -18.07 2.06
C LEU A 168 -4.38 -19.30 1.97
N ARG A 169 -4.75 -20.40 2.65
CA ARG A 169 -3.91 -21.63 2.65
CA ARG A 169 -3.93 -21.64 2.66
C ARG A 169 -3.70 -22.05 1.20
N ARG A 170 -4.77 -22.04 0.40
CA ARG A 170 -4.70 -22.37 -1.05
C ARG A 170 -3.72 -21.43 -1.75
N TYR A 171 -3.93 -20.12 -1.68
CA TYR A 171 -3.06 -19.12 -2.36
C TYR A 171 -1.59 -19.33 -1.95
N LEU A 172 -1.33 -19.65 -0.68
CA LEU A 172 0.04 -19.84 -0.16
C LEU A 172 0.66 -21.06 -0.85
N GLU A 173 -0.09 -22.16 -0.94
CA GLU A 173 0.36 -23.39 -1.64
C GLU A 173 0.74 -22.99 -3.08
N ASN A 174 -0.12 -22.23 -3.77
CA ASN A 174 -0.02 -22.02 -5.24
C ASN A 174 1.01 -20.95 -5.57
N GLY A 175 1.28 -20.05 -4.62
CA GLY A 175 2.27 -18.98 -4.80
C GLY A 175 3.65 -19.58 -4.66
N LYS A 176 3.73 -20.54 -3.72
CA LYS A 176 4.96 -21.30 -3.44
C LYS A 176 6.08 -20.36 -2.99
N ASP A 177 7.18 -20.35 -3.72
CA ASP A 177 8.35 -19.54 -3.31
C ASP A 177 8.00 -18.05 -3.28
N LYS A 178 7.18 -17.58 -4.22
CA LYS A 178 6.80 -16.15 -4.27
C LYS A 178 6.22 -15.65 -2.95
N LEU A 179 5.48 -16.47 -2.20
CA LEU A 179 4.80 -16.00 -0.97
C LEU A 179 5.50 -16.51 0.30
N GLU A 180 6.04 -17.73 0.26
CA GLU A 180 6.58 -18.34 1.51
C GLU A 180 8.08 -18.10 1.70
N ARG A 181 8.84 -17.86 0.64
CA ARG A 181 10.30 -17.65 0.76
C ARG A 181 10.64 -16.15 0.59
N ALA A 182 11.22 -15.56 1.63
CA ALA A 182 11.60 -14.12 1.61
C ALA A 182 12.67 -13.88 0.55
N ASP A 183 12.59 -12.75 -0.14
CA ASP A 183 13.58 -12.37 -1.16
C ASP A 183 14.53 -11.39 -0.47
N PRO A 184 15.81 -11.75 -0.26
CA PRO A 184 16.71 -10.88 0.47
C PRO A 184 17.08 -9.66 -0.36
N PRO A 185 17.42 -8.54 0.29
CA PRO A 185 17.81 -7.36 -0.43
C PRO A 185 19.19 -7.48 -1.08
N LYS A 186 19.32 -6.87 -2.25
CA LYS A 186 20.62 -6.56 -2.89
C LYS A 186 21.10 -5.27 -2.25
N THR A 187 22.30 -5.28 -1.64
CA THR A 187 22.74 -4.14 -0.80
C THR A 187 24.00 -3.52 -1.43
N HIS A 188 24.18 -2.22 -1.28
CA HIS A 188 25.45 -1.57 -1.65
C HIS A 188 25.52 -0.21 -0.96
N VAL A 189 26.74 0.29 -0.80
CA VAL A 189 26.95 1.66 -0.24
C VAL A 189 27.47 2.55 -1.34
N THR A 190 26.94 3.76 -1.42
CA THR A 190 27.41 4.82 -2.34
C THR A 190 27.97 5.97 -1.48
N HIS A 191 28.79 6.79 -2.12
CA HIS A 191 29.56 7.88 -1.50
C HIS A 191 29.37 9.13 -2.35
N HIS A 192 28.94 10.23 -1.73
CA HIS A 192 28.51 11.47 -2.43
C HIS A 192 29.18 12.65 -1.75
N PRO A 193 30.38 13.07 -2.21
CA PRO A 193 31.04 14.25 -1.67
C PRO A 193 30.10 15.45 -1.66
N ILE A 194 30.05 16.14 -0.55
CA ILE A 194 29.25 17.38 -0.39
C ILE A 194 30.22 18.54 -0.60
N SER A 195 31.38 18.42 0.01
CA SER A 195 32.48 19.40 -0.03
C SER A 195 33.79 18.67 0.25
N ASP A 196 34.84 19.42 0.54
CA ASP A 196 36.18 18.82 0.82
C ASP A 196 36.22 18.27 2.25
N HIS A 197 35.24 18.62 3.10
CA HIS A 197 35.16 18.21 4.51
C HIS A 197 34.00 17.26 4.84
N GLU A 198 33.01 17.11 3.97
CA GLU A 198 31.84 16.25 4.33
C GLU A 198 31.48 15.37 3.12
N ALA A 199 30.99 14.17 3.38
CA ALA A 199 30.45 13.29 2.32
C ALA A 199 29.23 12.55 2.87
N THR A 200 28.33 12.20 1.96
CA THR A 200 27.16 11.36 2.29
C THR A 200 27.52 9.91 1.99
N LEU A 201 27.30 9.02 2.97
CA LEU A 201 27.30 7.54 2.76
C LEU A 201 25.84 7.14 2.71
N ARG A 202 25.42 6.49 1.62
CA ARG A 202 24.02 6.02 1.43
C ARG A 202 24.09 4.49 1.30
N CYS A 203 23.37 3.83 2.19
CA CYS A 203 23.25 2.37 2.21
C CYS A 203 21.90 1.97 1.59
N TRP A 204 21.96 1.18 0.54
CA TRP A 204 20.81 0.80 -0.30
C TRP A 204 20.41 -0.64 -0.02
N ALA A 205 19.10 -0.87 0.04
CA ALA A 205 18.47 -2.20 0.06
C ALA A 205 17.45 -2.23 -1.07
N LEU A 206 17.70 -3.07 -2.07
CA LEU A 206 16.90 -3.09 -3.32
C LEU A 206 16.35 -4.50 -3.54
N GLY A 207 15.14 -4.57 -4.10
CA GLY A 207 14.57 -5.83 -4.63
C GLY A 207 14.19 -6.83 -3.53
N PHE A 208 13.87 -6.36 -2.33
CA PHE A 208 13.58 -7.28 -1.20
C PHE A 208 12.06 -7.48 -1.06
N TYR A 209 11.71 -8.60 -0.45
CA TYR A 209 10.33 -9.03 -0.13
C TYR A 209 10.39 -9.98 1.06
N PRO A 210 9.57 -9.81 2.12
CA PRO A 210 8.57 -8.74 2.20
C PRO A 210 9.12 -7.35 2.57
N ALA A 211 8.23 -6.38 2.82
CA ALA A 211 8.58 -4.95 2.97
C ALA A 211 9.36 -4.71 4.27
N GLU A 212 9.08 -5.50 5.30
CA GLU A 212 9.67 -5.32 6.65
C GLU A 212 11.20 -5.38 6.51
N ILE A 213 11.92 -4.41 7.03
CA ILE A 213 13.41 -4.38 6.93
C ILE A 213 13.92 -3.40 7.97
N THR A 214 15.15 -3.58 8.43
CA THR A 214 15.85 -2.57 9.26
C THR A 214 17.19 -2.23 8.62
N LEU A 215 17.42 -0.93 8.40
CA LEU A 215 18.70 -0.32 7.95
C LEU A 215 19.17 0.62 9.04
N THR A 216 20.40 0.46 9.51
CA THR A 216 21.01 1.41 10.48
C THR A 216 22.45 1.68 10.11
N TRP A 217 22.92 2.88 10.39
CA TRP A 217 24.37 3.22 10.31
C TRP A 217 24.96 3.15 11.72
N GLN A 218 26.19 2.68 11.80
CA GLN A 218 26.91 2.68 13.08
C GLN A 218 28.26 3.33 12.83
N ARG A 219 28.70 4.13 13.79
CA ARG A 219 30.06 4.70 13.86
C ARG A 219 30.76 3.92 14.96
N ASP A 220 31.84 3.25 14.64
CA ASP A 220 32.58 2.42 15.64
C ASP A 220 31.57 1.60 16.46
N GLY A 221 30.62 0.95 15.81
CA GLY A 221 29.70 0.01 16.49
C GLY A 221 28.56 0.68 17.24
N GLU A 222 28.48 2.01 17.24
CA GLU A 222 27.43 2.77 17.96
C GLU A 222 26.40 3.26 16.94
N ASP A 223 25.12 2.99 17.20
CA ASP A 223 23.97 3.40 16.36
C ASP A 223 24.02 4.92 16.16
N GLN A 224 23.79 5.38 14.94
CA GLN A 224 23.79 6.83 14.62
C GLN A 224 22.36 7.24 14.29
N THR A 225 21.41 6.91 15.16
CA THR A 225 19.98 7.17 14.90
C THR A 225 19.70 8.65 14.69
N GLN A 226 20.20 9.53 15.57
CA GLN A 226 19.97 10.99 15.41
C GLN A 226 20.45 11.51 14.06
N ASP A 227 21.57 11.02 13.53
CA ASP A 227 22.14 11.62 12.30
C ASP A 227 21.85 10.83 11.00
N THR A 228 21.01 9.81 11.06
CA THR A 228 20.65 9.00 9.86
C THR A 228 19.37 9.55 9.21
N GLU A 229 19.44 9.84 7.91
CA GLU A 229 18.27 10.11 7.04
C GLU A 229 17.80 8.75 6.50
N LEU A 230 16.59 8.34 6.85
CA LEU A 230 15.98 7.04 6.49
C LEU A 230 14.76 7.33 5.65
N VAL A 231 14.72 6.89 4.41
CA VAL A 231 13.49 7.08 3.59
C VAL A 231 12.50 5.98 3.93
N GLU A 232 11.21 6.28 3.75
CA GLU A 232 10.14 5.29 3.92
C GLU A 232 10.34 4.19 2.89
N THR A 233 10.06 2.95 3.28
CA THR A 233 10.18 1.78 2.39
C THR A 233 9.23 2.01 1.21
N ARG A 234 9.64 1.73 -0.01
CA ARG A 234 8.89 2.14 -1.20
C ARG A 234 8.86 0.99 -2.18
N PRO A 235 7.78 0.85 -2.96
CA PRO A 235 7.68 -0.22 -3.95
C PRO A 235 8.55 0.05 -5.19
N ALA A 236 9.17 -1.00 -5.71
CA ALA A 236 10.00 -0.92 -6.92
C ALA A 236 9.11 -0.93 -8.16
N GLY A 237 7.88 -1.42 -8.01
CA GLY A 237 6.87 -1.59 -9.08
C GLY A 237 6.87 -3.00 -9.64
N ASP A 238 7.72 -3.87 -9.10
CA ASP A 238 7.84 -5.26 -9.61
C ASP A 238 7.54 -6.28 -8.51
N ARG A 239 6.80 -5.86 -7.47
CA ARG A 239 6.37 -6.62 -6.27
C ARG A 239 7.47 -6.65 -5.22
N THR A 240 8.59 -5.98 -5.44
CA THR A 240 9.68 -5.92 -4.44
C THR A 240 9.77 -4.51 -3.86
N PHE A 241 10.52 -4.36 -2.78
CA PHE A 241 10.64 -3.04 -2.11
C PHE A 241 12.07 -2.52 -2.13
N GLN A 242 12.19 -1.26 -1.78
CA GLN A 242 13.47 -0.50 -1.72
C GLN A 242 13.49 0.29 -0.44
N LYS A 243 14.68 0.54 0.08
CA LYS A 243 14.89 1.49 1.18
C LYS A 243 16.34 1.97 1.14
N TRP A 244 16.60 3.16 1.65
CA TRP A 244 17.98 3.58 1.93
C TRP A 244 18.07 4.38 3.21
N ALA A 245 19.26 4.35 3.77
CA ALA A 245 19.69 5.11 4.95
C ALA A 245 20.97 5.85 4.60
N ALA A 246 21.04 7.12 4.98
CA ALA A 246 22.21 7.97 4.68
C ALA A 246 22.69 8.67 5.95
N VAL A 247 24.00 8.85 5.99
CA VAL A 247 24.65 9.61 7.07
C VAL A 247 25.66 10.55 6.41
N VAL A 248 25.74 11.78 6.91
CA VAL A 248 26.79 12.76 6.53
C VAL A 248 27.98 12.59 7.49
N VAL A 249 29.15 12.38 6.92
CA VAL A 249 30.37 12.01 7.67
C VAL A 249 31.50 12.95 7.26
N PRO A 250 32.47 13.16 8.15
CA PRO A 250 33.66 13.93 7.79
C PRO A 250 34.50 13.15 6.77
N SER A 251 34.97 13.86 5.75
CA SER A 251 35.91 13.34 4.73
C SER A 251 37.08 12.68 5.44
N GLY A 252 37.38 11.43 5.09
CA GLY A 252 38.50 10.65 5.65
C GLY A 252 38.09 9.82 6.86
N GLU A 253 36.84 9.92 7.30
CA GLU A 253 36.33 9.16 8.48
C GLU A 253 35.37 8.06 8.02
N GLU A 254 35.20 7.89 6.71
CA GLU A 254 34.27 6.89 6.12
C GLU A 254 34.50 5.50 6.73
N GLN A 255 35.75 5.11 6.96
CA GLN A 255 36.13 3.75 7.40
C GLN A 255 35.51 3.45 8.78
N ARG A 256 35.06 4.46 9.54
CA ARG A 256 34.48 4.27 10.90
CA ARG A 256 34.49 4.24 10.89
C ARG A 256 33.01 3.83 10.81
N TYR A 257 32.40 3.87 9.62
CA TYR A 257 30.94 3.71 9.43
C TYR A 257 30.63 2.36 8.79
N THR A 258 29.64 1.70 9.36
CA THR A 258 29.11 0.41 8.84
C THR A 258 27.62 0.53 8.78
N CYS A 259 27.04 -0.04 7.74
CA CYS A 259 25.59 -0.16 7.56
C CYS A 259 25.18 -1.57 7.95
N HIS A 260 24.06 -1.67 8.67
CA HIS A 260 23.55 -2.94 9.25
C HIS A 260 22.16 -3.20 8.68
N VAL A 261 21.97 -4.38 8.10
CA VAL A 261 20.76 -4.75 7.34
C VAL A 261 20.17 -6.01 7.98
N GLN A 262 18.91 -5.92 8.37
CA GLN A 262 18.12 -7.04 8.90
C GLN A 262 16.95 -7.25 7.95
N HIS A 263 16.82 -8.45 7.42
CA HIS A 263 15.68 -8.84 6.57
C HIS A 263 15.51 -10.34 6.63
N GLU A 264 14.28 -10.80 6.49
CA GLU A 264 13.87 -12.21 6.73
C GLU A 264 14.60 -13.07 5.72
N GLY A 265 14.87 -12.53 4.52
CA GLY A 265 15.50 -13.27 3.42
C GLY A 265 17.00 -13.45 3.60
N LEU A 266 17.65 -12.74 4.53
CA LEU A 266 19.11 -12.84 4.68
C LEU A 266 19.43 -14.05 5.54
N PRO A 267 20.49 -14.83 5.23
CA PRO A 267 20.94 -15.91 6.12
C PRO A 267 21.23 -15.40 7.54
N LYS A 268 21.85 -14.23 7.66
CA LYS A 268 22.12 -13.53 8.95
C LYS A 268 22.21 -12.03 8.68
N PRO A 269 22.15 -11.19 9.73
CA PRO A 269 22.25 -9.74 9.56
C PRO A 269 23.56 -9.39 8.85
N LEU A 270 23.47 -8.47 7.89
CA LEU A 270 24.58 -7.99 7.02
C LEU A 270 25.23 -6.78 7.67
N THR A 271 26.54 -6.70 7.57
CA THR A 271 27.34 -5.48 7.79
C THR A 271 27.99 -5.14 6.45
N LEU A 272 27.72 -3.93 5.97
CA LEU A 272 28.26 -3.35 4.72
C LEU A 272 29.12 -2.14 5.09
N ARG A 273 29.95 -1.72 4.14
N ARG A 273 29.95 -1.71 4.15
CA ARG A 273 30.90 -0.60 4.28
CA ARG A 273 30.75 -0.48 4.28
C ARG A 273 31.15 -0.03 2.86
C ARG A 273 31.14 -0.02 2.87
N TRP A 274 31.62 1.23 2.80
CA TRP A 274 32.05 1.85 1.53
C TRP A 274 33.20 1.05 0.93
N GLU A 275 32.94 0.31 -0.14
CA GLU A 275 33.96 -0.54 -0.81
C GLU A 275 33.56 -0.86 -2.25
N MET B 1 -13.81 15.66 8.94
CA MET B 1 -13.13 15.12 7.76
C MET B 1 -11.61 15.26 7.93
N ILE B 2 -10.92 14.12 7.95
CA ILE B 2 -9.43 14.07 7.99
C ILE B 2 -8.92 14.55 6.63
N GLN B 3 -7.88 15.38 6.62
CA GLN B 3 -7.04 15.60 5.41
C GLN B 3 -5.62 15.23 5.82
N ARG B 4 -4.95 14.46 4.99
CA ARG B 4 -3.51 14.18 5.19
C ARG B 4 -2.78 14.55 3.91
N THR B 5 -1.69 15.28 4.07
CA THR B 5 -0.81 15.71 2.95
C THR B 5 -0.05 14.54 2.39
N PRO B 6 0.04 14.39 1.05
CA PRO B 6 0.82 13.30 0.47
C PRO B 6 2.32 13.42 0.77
N LYS B 7 2.98 12.30 1.07
CA LYS B 7 4.44 12.17 1.02
C LYS B 7 4.78 11.75 -0.40
N ILE B 8 5.90 12.20 -0.95
CA ILE B 8 6.26 11.88 -2.36
C ILE B 8 7.70 11.37 -2.38
N GLN B 9 7.95 10.29 -3.11
CA GLN B 9 9.31 9.87 -3.50
C GLN B 9 9.35 9.61 -5.00
N VAL B 10 10.42 10.06 -5.63
CA VAL B 10 10.67 9.89 -7.09
C VAL B 10 11.97 9.13 -7.19
N TYR B 11 11.98 8.04 -7.96
CA TYR B 11 13.12 7.11 -7.96
C TYR B 11 12.94 6.16 -9.13
N SER B 12 13.99 5.42 -9.43
CA SER B 12 14.04 4.42 -10.51
C SER B 12 13.87 3.05 -9.88
N ARG B 13 13.28 2.13 -10.62
CA ARG B 13 13.11 0.74 -10.20
C ARG B 13 14.49 0.11 -9.97
N HIS B 14 15.43 0.31 -10.89
CA HIS B 14 16.83 -0.18 -10.80
C HIS B 14 17.78 1.00 -10.75
N PRO B 15 19.02 0.83 -10.23
CA PRO B 15 20.01 1.89 -10.24
C PRO B 15 20.20 2.39 -11.69
N ALA B 16 20.16 3.70 -11.85
CA ALA B 16 20.13 4.34 -13.18
C ALA B 16 21.45 4.09 -13.91
N GLU B 17 21.39 3.75 -15.19
CA GLU B 17 22.55 3.78 -16.10
C GLU B 17 22.13 4.49 -17.40
N ASN B 18 22.85 5.54 -17.80
CA ASN B 18 22.52 6.34 -19.01
C ASN B 18 22.40 5.37 -20.19
N GLY B 19 21.30 5.44 -20.95
CA GLY B 19 21.06 4.63 -22.14
C GLY B 19 20.66 3.19 -21.85
N LYS B 20 20.28 2.86 -20.60
CA LYS B 20 19.66 1.56 -20.23
C LYS B 20 18.20 1.78 -19.82
N SER B 21 17.28 1.03 -20.43
CA SER B 21 15.83 1.08 -20.15
C SER B 21 15.62 0.82 -18.65
N ASN B 22 14.68 1.53 -18.05
CA ASN B 22 14.43 1.48 -16.60
C ASN B 22 12.95 1.82 -16.38
N PHE B 23 12.54 1.99 -15.13
CA PHE B 23 11.21 2.50 -14.77
C PHE B 23 11.39 3.71 -13.88
N LEU B 24 10.68 4.79 -14.20
CA LEU B 24 10.59 5.99 -13.35
C LEU B 24 9.34 5.84 -12.50
N ASN B 25 9.53 5.92 -11.19
CA ASN B 25 8.46 5.77 -10.17
C ASN B 25 8.21 7.09 -9.46
N CYS B 26 6.94 7.37 -9.19
CA CYS B 26 6.52 8.42 -8.25
C CYS B 26 5.56 7.76 -7.28
N TYR B 27 6.03 7.57 -6.05
CA TYR B 27 5.29 6.94 -4.94
C TYR B 27 4.68 8.05 -4.09
N VAL B 28 3.35 8.11 -4.11
CA VAL B 28 2.56 9.09 -3.31
CA VAL B 28 2.56 9.08 -3.34
C VAL B 28 1.83 8.31 -2.24
N SER B 29 2.01 8.68 -0.98
CA SER B 29 1.53 7.89 0.17
C SER B 29 1.08 8.83 1.27
N GLY B 30 0.35 8.27 2.23
CA GLY B 30 -0.07 8.92 3.46
C GLY B 30 -1.11 9.99 3.22
N PHE B 31 -1.85 9.98 2.11
CA PHE B 31 -2.76 11.11 1.82
C PHE B 31 -4.22 10.74 2.07
N HIS B 32 -5.02 11.77 2.28
CA HIS B 32 -6.49 11.65 2.46
C HIS B 32 -7.05 13.04 2.21
N PRO B 33 -8.14 13.22 1.43
CA PRO B 33 -8.83 12.14 0.73
C PRO B 33 -8.13 11.63 -0.53
N SER B 34 -8.78 10.71 -1.27
CA SER B 34 -8.13 9.86 -2.31
C SER B 34 -7.97 10.67 -3.62
N ASP B 35 -8.75 11.72 -3.83
CA ASP B 35 -8.65 12.54 -5.05
C ASP B 35 -7.24 13.12 -5.15
N ILE B 36 -6.48 12.74 -6.18
CA ILE B 36 -5.08 13.23 -6.32
C ILE B 36 -4.72 13.29 -7.80
N GLU B 37 -3.87 14.24 -8.16
CA GLU B 37 -3.35 14.38 -9.54
C GLU B 37 -1.83 14.25 -9.50
N VAL B 38 -1.31 13.29 -10.27
CA VAL B 38 0.13 12.96 -10.33
C VAL B 38 0.54 12.88 -11.81
N ASP B 39 1.52 13.68 -12.18
CA ASP B 39 2.10 13.73 -13.53
C ASP B 39 3.60 13.45 -13.40
N LEU B 40 4.14 12.62 -14.29
CA LEU B 40 5.60 12.51 -14.48
C LEU B 40 5.98 13.50 -15.57
N LEU B 41 7.04 14.26 -15.32
CA LEU B 41 7.54 15.29 -16.23
C LEU B 41 8.91 14.85 -16.76
N LYS B 42 9.10 15.05 -18.05
CA LYS B 42 10.42 14.98 -18.71
C LYS B 42 10.73 16.37 -19.27
N ASN B 43 11.81 16.98 -18.80
CA ASN B 43 12.22 18.35 -19.19
C ASN B 43 11.03 19.30 -19.06
N GLY B 44 10.26 19.14 -17.97
CA GLY B 44 9.15 20.04 -17.63
C GLY B 44 7.85 19.67 -18.33
N GLU B 45 7.86 18.70 -19.26
CA GLU B 45 6.68 18.34 -20.09
C GLU B 45 6.06 17.05 -19.56
N ARG B 46 4.73 16.99 -19.58
CA ARG B 46 3.97 15.86 -19.04
C ARG B 46 4.26 14.63 -19.92
N ILE B 47 4.64 13.51 -19.31
CA ILE B 47 4.81 12.20 -20.01
C ILE B 47 3.41 11.59 -20.17
N GLU B 48 3.11 11.05 -21.35
N GLU B 48 3.09 11.10 -21.37
CA GLU B 48 1.79 10.41 -21.60
CA GLU B 48 1.73 10.68 -21.76
C GLU B 48 1.88 8.91 -21.28
C GLU B 48 1.43 9.25 -21.28
N LYS B 49 0.74 8.21 -21.26
N LYS B 49 2.34 8.30 -21.52
CA LYS B 49 0.64 6.74 -21.03
CA LYS B 49 2.15 6.86 -21.18
C LYS B 49 1.24 6.37 -19.67
C LYS B 49 2.52 6.63 -19.71
N VAL B 50 1.30 7.31 -18.72
N VAL B 50 1.72 7.15 -18.78
CA VAL B 50 1.81 6.99 -17.34
CA VAL B 50 1.94 6.93 -17.32
C VAL B 50 0.75 6.13 -16.66
C VAL B 50 0.81 6.06 -16.78
N GLU B 51 1.16 5.02 -16.04
CA GLU B 51 0.22 4.09 -15.37
C GLU B 51 0.34 4.25 -13.87
N HIS B 52 -0.61 3.67 -13.13
CA HIS B 52 -0.57 3.73 -11.65
C HIS B 52 -1.14 2.44 -11.07
N SER B 53 -0.70 2.14 -9.86
CA SER B 53 -1.16 1.01 -9.04
C SER B 53 -2.62 1.26 -8.67
N ASP B 54 -3.30 0.21 -8.26
CA ASP B 54 -4.69 0.27 -7.79
C ASP B 54 -4.70 0.93 -6.42
N LEU B 55 -5.64 1.86 -6.21
CA LEU B 55 -5.79 2.59 -4.94
C LEU B 55 -5.85 1.61 -3.76
N SER B 56 -4.93 1.77 -2.82
CA SER B 56 -4.77 0.96 -1.59
CA SER B 56 -4.93 0.98 -1.56
C SER B 56 -4.57 1.93 -0.42
N PHE B 57 -4.53 1.40 0.79
CA PHE B 57 -4.35 2.25 1.97
C PHE B 57 -3.69 1.43 3.05
N SER B 58 -3.06 2.15 3.96
CA SER B 58 -2.29 1.61 5.11
C SER B 58 -3.22 1.39 6.31
N LYS B 59 -2.66 0.85 7.39
CA LYS B 59 -3.37 0.54 8.65
C LYS B 59 -4.05 1.81 9.18
N ASP B 60 -3.51 3.01 8.91
CA ASP B 60 -4.11 4.27 9.42
C ASP B 60 -5.13 4.89 8.43
N TRP B 61 -5.48 4.15 7.37
CA TRP B 61 -6.51 4.47 6.30
C TRP B 61 -5.98 5.45 5.26
N SER B 62 -4.74 5.93 5.39
CA SER B 62 -4.11 6.86 4.44
C SER B 62 -3.80 6.12 3.13
N PHE B 63 -4.02 6.77 2.01
CA PHE B 63 -3.94 6.16 0.67
C PHE B 63 -2.49 6.16 0.20
N TYR B 64 -2.19 5.21 -0.69
CA TYR B 64 -0.92 5.22 -1.45
C TYR B 64 -1.18 4.74 -2.88
N LEU B 65 -0.41 5.34 -3.81
CA LEU B 65 -0.37 5.02 -5.23
C LEU B 65 1.10 5.11 -5.72
N LEU B 66 1.44 4.18 -6.60
CA LEU B 66 2.66 4.25 -7.43
C LEU B 66 2.26 4.64 -8.84
N TYR B 67 2.83 5.74 -9.32
CA TYR B 67 2.74 6.16 -10.74
C TYR B 67 4.07 5.80 -11.39
N TYR B 68 4.01 5.20 -12.57
CA TYR B 68 5.26 4.69 -13.19
C TYR B 68 5.18 4.76 -14.70
N THR B 69 6.35 4.88 -15.33
CA THR B 69 6.53 4.85 -16.79
C THR B 69 7.90 4.22 -17.10
N GLU B 70 7.97 3.51 -18.22
CA GLU B 70 9.25 3.07 -18.83
C GLU B 70 10.04 4.32 -19.20
N PHE B 71 11.35 4.31 -18.99
CA PHE B 71 12.22 5.42 -19.43
C PHE B 71 13.68 4.96 -19.57
N THR B 72 14.41 5.61 -20.47
CA THR B 72 15.87 5.45 -20.62
C THR B 72 16.55 6.73 -20.11
N PRO B 73 17.12 6.72 -18.89
CA PRO B 73 17.82 7.89 -18.38
C PRO B 73 19.00 8.24 -19.30
N THR B 74 19.28 9.54 -19.44
CA THR B 74 20.50 10.09 -20.09
C THR B 74 21.13 11.08 -19.11
N GLU B 75 22.29 11.62 -19.48
CA GLU B 75 22.99 12.67 -18.71
C GLU B 75 22.12 13.93 -18.58
N LYS B 76 21.66 14.41 -19.72
CA LYS B 76 20.88 15.66 -19.79
CA LYS B 76 20.93 15.75 -19.78
C LYS B 76 19.38 15.83 -19.40
N ASP B 77 18.69 14.71 -19.67
CA ASP B 77 17.21 14.69 -19.49
C ASP B 77 16.84 14.83 -18.01
N GLU B 78 15.95 15.77 -17.67
CA GLU B 78 15.50 16.01 -16.27
C GLU B 78 14.09 15.44 -16.10
N TYR B 79 13.90 14.66 -15.03
CA TYR B 79 12.62 14.02 -14.69
C TYR B 79 12.15 14.55 -13.35
N ALA B 80 10.83 14.57 -13.18
CA ALA B 80 10.19 15.05 -11.96
C ALA B 80 8.79 14.46 -11.84
N CYS B 81 8.25 14.63 -10.65
CA CYS B 81 6.88 14.20 -10.32
C CYS B 81 6.15 15.43 -9.80
N ARG B 82 4.96 15.70 -10.36
CA ARG B 82 4.16 16.89 -9.97
C ARG B 82 2.86 16.38 -9.37
N VAL B 83 2.59 16.79 -8.14
CA VAL B 83 1.43 16.29 -7.35
C VAL B 83 0.54 17.48 -6.99
N ASN B 84 -0.76 17.31 -7.22
CA ASN B 84 -1.83 18.24 -6.81
C ASN B 84 -2.75 17.47 -5.88
N HIS B 85 -3.16 18.11 -4.78
CA HIS B 85 -4.04 17.50 -3.75
C HIS B 85 -4.67 18.65 -2.98
N VAL B 86 -5.84 18.43 -2.40
CA VAL B 86 -6.57 19.49 -1.65
C VAL B 86 -5.62 20.07 -0.57
N THR B 87 -4.74 19.26 0.03
CA THR B 87 -3.87 19.70 1.14
C THR B 87 -2.71 20.59 0.65
N LEU B 88 -2.41 20.62 -0.64
CA LEU B 88 -1.28 21.43 -1.22
C LEU B 88 -1.80 22.74 -1.81
N SER B 89 -1.27 23.90 -1.38
CA SER B 89 -1.76 25.21 -1.86
C SER B 89 -1.16 25.47 -3.25
N GLN B 90 -0.04 24.82 -3.53
CA GLN B 90 0.69 24.90 -4.82
C GLN B 90 0.92 23.45 -5.23
N PRO B 91 1.08 23.13 -6.52
CA PRO B 91 1.50 21.79 -6.91
C PRO B 91 2.90 21.53 -6.33
N LYS B 92 3.14 20.33 -5.83
CA LYS B 92 4.46 19.94 -5.28
C LYS B 92 5.23 19.20 -6.37
N ILE B 93 6.39 19.72 -6.72
CA ILE B 93 7.28 19.14 -7.77
C ILE B 93 8.50 18.56 -7.05
N VAL B 94 8.69 17.25 -7.15
CA VAL B 94 9.89 16.56 -6.64
C VAL B 94 10.72 16.10 -7.84
N LYS B 95 11.95 16.54 -7.93
CA LYS B 95 12.88 16.17 -9.03
C LYS B 95 13.43 14.76 -8.78
N TRP B 96 13.55 13.97 -9.85
CA TRP B 96 14.28 12.69 -9.80
C TRP B 96 15.76 12.98 -9.60
N ASP B 97 16.37 12.35 -8.61
CA ASP B 97 17.83 12.36 -8.40
C ASP B 97 18.26 10.89 -8.41
N ARG B 98 19.11 10.48 -9.32
CA ARG B 98 19.47 9.04 -9.51
C ARG B 98 20.21 8.52 -8.26
N ASP B 99 20.70 9.40 -7.39
CA ASP B 99 21.40 8.96 -6.14
C ASP B 99 20.43 8.85 -4.97
N MET B 100 19.12 8.90 -5.22
CA MET B 100 18.11 8.87 -4.15
C MET B 100 16.91 8.03 -4.57
N ILE C 1 -10.22 -15.18 -1.28
CA ILE C 1 -11.54 -14.95 -1.92
C ILE C 1 -12.33 -13.95 -1.06
N PRO C 2 -13.04 -12.98 -1.67
CA PRO C 2 -13.77 -11.99 -0.86
C PRO C 2 -15.02 -12.62 -0.27
N ARG C 3 -15.50 -12.01 0.81
CA ARG C 3 -16.70 -12.48 1.52
C ARG C 3 -17.92 -11.91 0.81
N ARG C 4 -19.05 -12.61 0.93
CA ARG C 4 -20.36 -12.04 0.55
C ARG C 4 -20.89 -11.39 1.82
N ASN C 5 -21.15 -10.10 1.80
CA ASN C 5 -21.77 -9.47 2.99
C ASN C 5 -22.65 -8.34 2.51
N VAL C 6 -23.95 -8.41 2.84
CA VAL C 6 -24.99 -7.45 2.37
C VAL C 6 -25.40 -6.50 3.50
N ALA C 7 -24.66 -6.41 4.62
CA ALA C 7 -25.06 -5.55 5.77
C ALA C 7 -24.65 -4.11 5.47
N THR C 8 -25.56 -3.16 5.60
CA THR C 8 -25.23 -1.72 5.45
C THR C 8 -24.86 -1.23 6.83
N LEU C 9 -24.05 -0.17 6.89
CA LEU C 9 -23.74 0.57 8.14
C LEU C 9 -25.01 1.37 8.52
#